data_6KGV
#
_entry.id   6KGV
#
_cell.length_a   96.630
_cell.length_b   83.800
_cell.length_c   90.130
_cell.angle_alpha   90.000
_cell.angle_beta   111.710
_cell.angle_gamma   90.000
#
_symmetry.space_group_name_H-M   'C 1 2 1'
#
loop_
_entity.id
_entity.type
_entity.pdbx_description
1 polymer 'Penicillin-binding protein PbpB'
2 non-polymer 'COBALT (II) ION'
3 non-polymer '2-{1-[2-AMINO-2-(4-HYDROXY-PHENYL)-ACETYLAMINO]-2-OXO-ETHYL}-5,5-DIMETHYL-THIAZOLIDINE-4-CARBOXYLIC ACID'
4 water water
#
_entity_poly.entity_id   1
_entity_poly.type   'polypeptide(L)'
_entity_poly.pdbx_seq_one_letter_code
;GPLGSGQLKVTDVQPAARGSIVDRNNDRLAFTIEARALTFQPKRIRRQLEEARKKTSAAPDPQQRLRDIAQEVAGKLNNK
PDAAAVLKKLQSDETFVYLARAVDPAVASAICAKYPEVGAERQDLRQYPGGSLAANVVGGIDWDGHGLLGLEDSLDAVLA
GTDGSVTYDRGSDGVVIPGSYRNRHKAVHGSTVVLTLDNDIQFYVQQQVQQAKNLSGAHNVSAVVLDAKTGEVLAMANDN
TFDPSQDIGRQGDKQLGNPAVSSPFEPGSVNKIVAASAVIEHGLSSPDEVLQVPGSIQMGGVTVHDAWEHGVMPYTTTGV
FGKSSNVGTLMLSQRVGPERYYDMLRKFGLGQRTGVGLPGESAGLVPPIDQWSGSTFANLPIGQGLSMTLLQMTGMYQAI
ANDGVRVPPRIIKATVAPDGSRTEEPRPDDIRVVSAQTAQTVRQMLRAVVQRDPMGYQQGTGPTAGVPGYQMAGKTGTAQ
QINPGCGCYFDDVYWITFAGIATADNPRYVIGIMLDNPARNSDGAPGHSAAPLFHNIAGWLMQRENVPLSPDPGPPLVLQ
AT
;
_entity_poly.pdbx_strand_id   A
#
# COMPACT_ATOMS: atom_id res chain seq x y z
N ASP A 12 -44.18 7.95 21.69
CA ASP A 12 -43.55 9.02 20.89
C ASP A 12 -42.02 8.88 20.95
N VAL A 13 -41.37 8.99 19.79
CA VAL A 13 -39.96 8.65 19.62
C VAL A 13 -39.13 9.91 19.41
N GLN A 14 -37.95 9.96 20.04
CA GLN A 14 -37.05 11.09 19.90
C GLN A 14 -35.78 10.67 19.15
N PRO A 15 -35.59 11.14 17.92
CA PRO A 15 -34.56 10.55 17.04
C PRO A 15 -33.14 10.96 17.43
N ALA A 16 -32.24 9.98 17.42
CA ALA A 16 -30.81 10.30 17.53
C ALA A 16 -30.33 11.02 16.27
N ALA A 17 -29.50 12.04 16.46
CA ALA A 17 -28.89 12.75 15.35
C ALA A 17 -27.60 12.05 14.92
N ARG A 18 -27.49 11.75 13.63
CA ARG A 18 -26.36 10.97 13.14
C ARG A 18 -25.06 11.72 13.33
N GLY A 19 -24.05 11.02 13.83
CA GLY A 19 -22.73 11.60 13.98
C GLY A 19 -22.08 11.84 12.63
N SER A 20 -21.02 12.63 12.64
CA SER A 20 -20.38 12.99 11.40
C SER A 20 -19.05 12.22 11.26
N ILE A 21 -18.53 12.19 10.05
CA ILE A 21 -17.21 11.59 9.77
C ILE A 21 -16.31 12.70 9.28
N VAL A 22 -15.16 12.87 9.93
CA VAL A 22 -14.23 13.94 9.61
C VAL A 22 -12.82 13.38 9.50
N ASP A 23 -11.93 14.17 8.92
CA ASP A 23 -10.55 13.76 8.80
C ASP A 23 -9.79 14.15 10.06
N ARG A 24 -8.47 13.93 10.05
CA ARG A 24 -7.64 14.12 11.24
C ARG A 24 -7.61 15.57 11.72
N ASN A 25 -7.93 16.54 10.87
CA ASN A 25 -8.01 17.93 11.27
C ASN A 25 -9.44 18.45 11.34
N ASN A 26 -10.41 17.54 11.46
CA ASN A 26 -11.83 17.84 11.61
C ASN A 26 -12.45 18.46 10.37
N ASP A 27 -11.79 18.35 9.22
CA ASP A 27 -12.47 18.70 7.98
C ASP A 27 -13.53 17.65 7.69
N ARG A 28 -14.76 18.10 7.47
CA ARG A 28 -15.87 17.18 7.39
C ARG A 28 -15.89 16.43 6.08
N LEU A 29 -16.10 15.11 6.16
CA LEU A 29 -16.36 14.22 5.05
C LEU A 29 -17.84 13.86 4.92
N ALA A 30 -18.51 13.62 6.04
CA ALA A 30 -19.93 13.31 6.01
C ALA A 30 -20.58 13.93 7.24
N PHE A 31 -21.73 14.58 7.04
CA PHE A 31 -22.46 15.18 8.13
C PHE A 31 -23.92 15.31 7.73
N THR A 32 -24.77 15.40 8.74
CA THR A 32 -26.22 15.42 8.55
C THR A 32 -26.77 16.82 8.76
N ILE A 33 -27.70 17.23 7.89
CA ILE A 33 -28.48 18.43 8.11
C ILE A 33 -29.94 18.03 8.25
N GLU A 34 -30.68 18.78 9.04
CA GLU A 34 -32.10 18.50 9.23
C GLU A 34 -32.90 19.14 8.10
N ALA A 35 -33.79 18.35 7.49
CA ALA A 35 -34.71 18.87 6.49
C ALA A 35 -36.10 18.27 6.70
N ARG A 36 -36.91 18.21 5.65
CA ARG A 36 -38.32 17.88 5.75
C ARG A 36 -38.78 17.16 4.49
N ALA A 37 -39.95 16.55 4.58
CA ALA A 37 -40.50 15.79 3.46
C ALA A 37 -41.82 16.36 3.00
N ALA A 120 -43.65 10.94 9.05
CA ALA A 120 -42.55 11.11 8.11
C ALA A 120 -42.48 12.53 7.57
N GLU A 121 -42.43 13.53 8.46
CA GLU A 121 -42.34 14.93 8.05
C GLU A 121 -40.92 15.46 8.08
N ARG A 122 -40.19 15.23 9.16
CA ARG A 122 -38.81 15.69 9.26
C ARG A 122 -37.88 14.64 8.66
N GLN A 123 -36.87 15.12 7.93
CA GLN A 123 -36.03 14.26 7.12
C GLN A 123 -34.59 14.69 7.27
N ASP A 124 -33.72 13.75 7.65
CA ASP A 124 -32.32 14.08 7.86
C ASP A 124 -31.54 13.81 6.57
N LEU A 125 -30.85 14.84 6.09
CA LEU A 125 -30.09 14.75 4.83
C LEU A 125 -28.61 14.54 5.12
N ARG A 126 -28.05 13.47 4.56
CA ARG A 126 -26.61 13.25 4.64
C ARG A 126 -25.91 14.07 3.56
N GLN A 127 -24.88 14.81 3.97
CA GLN A 127 -24.09 15.66 3.08
C GLN A 127 -22.69 15.09 2.91
N TYR A 128 -22.16 15.20 1.69
CA TYR A 128 -20.80 14.79 1.37
C TYR A 128 -20.17 15.97 0.64
N PRO A 129 -19.63 16.94 1.39
CA PRO A 129 -19.12 18.16 0.74
C PRO A 129 -18.00 17.90 -0.26
N GLY A 130 -17.29 16.78 -0.15
CA GLY A 130 -16.23 16.46 -1.08
C GLY A 130 -16.64 15.54 -2.21
N GLY A 131 -17.90 15.13 -2.27
CA GLY A 131 -18.32 14.21 -3.32
C GLY A 131 -17.63 12.88 -3.17
N SER A 132 -16.86 12.50 -4.20
CA SER A 132 -16.18 11.22 -4.23
C SER A 132 -14.95 11.18 -3.34
N LEU A 133 -14.60 12.29 -2.70
CA LEU A 133 -13.39 12.35 -1.90
C LEU A 133 -13.39 11.28 -0.82
N ALA A 134 -12.52 10.28 -0.95
CA ALA A 134 -12.40 9.20 0.03
C ALA A 134 -13.69 8.40 0.17
N ALA A 135 -14.56 8.42 -0.84
CA ALA A 135 -15.80 7.69 -0.71
C ALA A 135 -15.57 6.18 -0.68
N ASN A 136 -14.39 5.73 -1.13
CA ASN A 136 -14.05 4.32 -0.97
C ASN A 136 -13.99 3.94 0.51
N VAL A 137 -13.52 4.86 1.34
CA VAL A 137 -13.45 4.64 2.79
C VAL A 137 -14.75 5.01 3.46
N VAL A 138 -15.24 6.22 3.18
CA VAL A 138 -16.39 6.79 3.87
C VAL A 138 -17.65 5.99 3.59
N GLY A 139 -17.87 5.62 2.33
CA GLY A 139 -19.06 4.89 1.96
C GLY A 139 -20.25 5.79 1.67
N GLY A 140 -21.47 5.31 1.92
CA GLY A 140 -22.67 6.06 1.61
C GLY A 140 -23.83 5.62 2.48
N ILE A 141 -24.94 6.35 2.32
CA ILE A 141 -26.11 6.23 3.19
C ILE A 141 -27.24 5.52 2.44
N ASP A 142 -28.15 4.94 3.21
CA ASP A 142 -29.34 4.28 2.68
C ASP A 142 -30.54 5.24 2.77
N TRP A 143 -31.70 4.78 2.28
CA TRP A 143 -32.90 5.61 2.32
C TRP A 143 -33.34 5.92 3.74
N ASP A 144 -33.13 4.98 4.68
CA ASP A 144 -33.52 5.15 6.08
C ASP A 144 -32.51 5.94 6.90
N GLY A 145 -31.54 6.58 6.25
CA GLY A 145 -30.52 7.35 6.94
C GLY A 145 -29.48 6.52 7.68
N HIS A 146 -29.51 5.21 7.56
CA HIS A 146 -28.46 4.36 8.10
C HIS A 146 -27.43 4.02 7.02
N GLY A 147 -26.26 3.58 7.47
CA GLY A 147 -25.17 3.33 6.55
C GLY A 147 -25.54 2.26 5.52
N LEU A 148 -25.12 2.50 4.27
CA LEU A 148 -25.33 1.54 3.21
C LEU A 148 -24.09 0.69 2.91
N LEU A 149 -22.91 1.30 2.98
CA LEU A 149 -21.67 0.59 2.69
C LEU A 149 -20.54 1.49 3.19
N GLY A 150 -19.33 0.93 3.25
CA GLY A 150 -18.23 1.72 3.80
C GLY A 150 -18.32 1.88 5.32
N LEU A 151 -17.61 2.90 5.82
CA LEU A 151 -17.64 3.17 7.26
C LEU A 151 -19.01 3.63 7.74
N GLU A 152 -19.78 4.30 6.87
CA GLU A 152 -21.15 4.68 7.24
C GLU A 152 -21.88 3.46 7.75
N ASP A 153 -21.64 2.31 7.13
CA ASP A 153 -22.30 1.08 7.49
C ASP A 153 -21.58 0.35 8.62
N SER A 154 -20.27 0.14 8.48
CA SER A 154 -19.53 -0.67 9.44
C SER A 154 -19.44 -0.01 10.80
N LEU A 155 -19.53 1.32 10.88
CA LEU A 155 -19.61 2.06 12.14
C LEU A 155 -20.99 2.66 12.37
N ASP A 156 -22.03 2.13 11.71
CA ASP A 156 -23.37 2.69 11.84
C ASP A 156 -23.79 2.86 13.30
N ALA A 157 -23.56 1.81 14.11
CA ALA A 157 -23.95 1.88 15.53
C ALA A 157 -23.31 3.04 16.24
N VAL A 158 -22.03 3.31 15.95
CA VAL A 158 -21.35 4.48 16.52
C VAL A 158 -21.95 5.77 15.97
N LEU A 159 -22.22 5.81 14.66
CA LEU A 159 -22.64 7.06 14.02
C LEU A 159 -24.14 7.31 14.17
N ALA A 160 -24.95 6.26 14.22
CA ALA A 160 -26.39 6.43 14.33
C ALA A 160 -26.85 6.75 15.74
N GLY A 161 -26.10 6.29 16.75
CA GLY A 161 -26.65 6.41 18.09
C GLY A 161 -27.87 5.51 18.26
N THR A 162 -28.67 5.86 19.28
CA THR A 162 -29.86 5.10 19.61
C THR A 162 -30.98 6.08 19.92
N ASP A 163 -32.17 5.81 19.37
CA ASP A 163 -33.31 6.69 19.56
C ASP A 163 -33.84 6.64 20.98
N GLY A 164 -34.19 7.81 21.50
CA GLY A 164 -34.84 7.92 22.79
C GLY A 164 -36.35 7.78 22.69
N SER A 165 -37.00 7.92 23.85
CA SER A 165 -38.44 7.66 23.94
C SER A 165 -38.98 8.28 25.22
N VAL A 166 -40.29 8.55 25.20
CA VAL A 166 -41.03 8.99 26.39
C VAL A 166 -42.54 8.83 26.16
N ARG A 184 -39.22 6.85 30.13
CA ARG A 184 -38.40 7.88 29.51
C ARG A 184 -36.95 7.44 29.34
N HIS A 185 -36.50 7.42 28.09
CA HIS A 185 -35.14 7.07 27.73
C HIS A 185 -34.56 8.19 26.89
N LYS A 186 -33.41 8.71 27.28
CA LYS A 186 -32.84 9.84 26.56
C LYS A 186 -32.29 9.36 25.21
N ALA A 187 -32.23 10.30 24.27
CA ALA A 187 -31.67 9.99 22.97
C ALA A 187 -30.15 10.04 23.05
N VAL A 188 -29.49 8.94 22.69
CA VAL A 188 -28.03 8.88 22.58
C VAL A 188 -27.69 9.27 21.14
N HIS A 189 -27.25 10.52 20.94
CA HIS A 189 -26.92 10.98 19.61
C HIS A 189 -25.65 10.29 19.10
N GLY A 190 -25.46 10.34 17.78
CA GLY A 190 -24.35 9.65 17.17
C GLY A 190 -23.01 10.31 17.50
N SER A 191 -22.02 9.47 17.76
CA SER A 191 -20.68 9.99 17.99
C SER A 191 -20.02 10.36 16.65
N THR A 192 -19.09 11.29 16.72
CA THR A 192 -18.34 11.68 15.54
C THR A 192 -17.10 10.81 15.41
N VAL A 193 -16.81 10.36 14.19
CA VAL A 193 -15.67 9.50 13.90
C VAL A 193 -14.57 10.38 13.28
N VAL A 194 -13.38 10.36 13.88
CA VAL A 194 -12.23 11.09 13.38
C VAL A 194 -11.29 10.10 12.71
N LEU A 195 -11.09 10.28 11.41
CA LEU A 195 -10.22 9.38 10.66
C LEU A 195 -8.78 9.88 10.72
N THR A 196 -7.85 8.96 10.46
CA THR A 196 -6.46 9.35 10.30
C THR A 196 -6.19 10.06 8.97
N LEU A 197 -7.16 10.05 8.06
CA LEU A 197 -6.95 10.64 6.74
C LEU A 197 -6.66 12.13 6.85
N ASP A 198 -5.81 12.61 5.95
CA ASP A 198 -5.61 14.03 5.69
C ASP A 198 -6.26 14.36 4.35
N ASN A 199 -7.31 15.17 4.38
CA ASN A 199 -8.09 15.45 3.17
C ASN A 199 -7.25 16.08 2.07
N ASP A 200 -6.32 16.97 2.41
CA ASP A 200 -5.45 17.57 1.39
C ASP A 200 -4.62 16.50 0.69
N ILE A 201 -4.02 15.61 1.46
CA ILE A 201 -3.24 14.52 0.88
C ILE A 201 -4.16 13.56 0.14
N GLN A 202 -5.30 13.23 0.74
CA GLN A 202 -6.24 12.33 0.08
C GLN A 202 -6.64 12.89 -1.27
N PHE A 203 -6.95 14.20 -1.33
CA PHE A 203 -7.44 14.80 -2.56
C PHE A 203 -6.38 14.75 -3.65
N TYR A 204 -5.16 15.14 -3.33
CA TYR A 204 -4.09 15.08 -4.31
C TYR A 204 -3.84 13.65 -4.76
N VAL A 205 -3.69 12.72 -3.83
CA VAL A 205 -3.43 11.32 -4.20
C VAL A 205 -4.57 10.76 -5.03
N GLN A 206 -5.82 11.01 -4.63
CA GLN A 206 -6.96 10.45 -5.34
C GLN A 206 -7.01 10.98 -6.77
N GLN A 207 -6.73 12.27 -6.96
CA GLN A 207 -6.68 12.84 -8.30
C GLN A 207 -5.55 12.22 -9.11
N GLN A 208 -4.37 12.11 -8.52
CA GLN A 208 -3.23 11.53 -9.22
C GLN A 208 -3.47 10.05 -9.56
N VAL A 209 -4.18 9.33 -8.68
CA VAL A 209 -4.53 7.94 -8.99
C VAL A 209 -5.43 7.88 -10.23
N GLN A 210 -6.39 8.80 -10.32
CA GLN A 210 -7.31 8.83 -11.46
C GLN A 210 -6.57 9.13 -12.75
N GLN A 211 -5.65 10.09 -12.74
N GLN A 211 -5.71 10.16 -12.71
CA GLN A 211 -5.02 10.37 -14.02
CA GLN A 211 -4.84 10.52 -13.84
C GLN A 211 -3.88 9.41 -14.33
C GLN A 211 -4.02 9.32 -14.29
N ALA A 212 -3.36 8.66 -13.34
CA ALA A 212 -2.46 7.56 -13.67
C ALA A 212 -3.21 6.45 -14.38
N LYS A 213 -4.44 6.19 -13.95
CA LYS A 213 -5.29 5.21 -14.63
C LYS A 213 -5.62 5.67 -16.05
N ASN A 214 -5.94 6.95 -16.24
CA ASN A 214 -6.22 7.45 -17.58
C ASN A 214 -4.98 7.38 -18.46
N LEU A 215 -3.84 7.85 -17.94
CA LEU A 215 -2.63 7.93 -18.76
C LEU A 215 -2.07 6.55 -19.07
N SER A 216 -2.11 5.64 -18.10
CA SER A 216 -1.45 4.34 -18.26
C SER A 216 -2.32 3.31 -18.97
N GLY A 217 -3.62 3.52 -19.08
CA GLY A 217 -4.49 2.50 -19.65
C GLY A 217 -4.69 1.27 -18.79
N ALA A 218 -4.29 1.31 -17.52
CA ALA A 218 -4.53 0.22 -16.58
C ALA A 218 -6.02 0.01 -16.31
N HIS A 219 -6.38 -1.24 -15.97
CA HIS A 219 -7.75 -1.56 -15.56
C HIS A 219 -8.15 -0.76 -14.33
N ASN A 220 -7.22 -0.63 -13.37
CA ASN A 220 -7.48 0.16 -12.17
C ASN A 220 -6.15 0.57 -11.57
N VAL A 221 -6.22 1.58 -10.70
CA VAL A 221 -5.06 2.09 -9.99
C VAL A 221 -5.47 2.35 -8.55
N SER A 222 -4.56 2.06 -7.62
CA SER A 222 -4.82 2.36 -6.22
C SER A 222 -3.51 2.80 -5.58
N ALA A 223 -3.62 3.53 -4.47
CA ALA A 223 -2.43 4.03 -3.79
C ALA A 223 -2.76 4.22 -2.32
N VAL A 224 -1.75 4.04 -1.49
CA VAL A 224 -1.87 4.16 -0.03
C VAL A 224 -0.69 4.95 0.45
N VAL A 225 -0.94 5.94 1.31
CA VAL A 225 0.11 6.68 1.99
C VAL A 225 -0.05 6.43 3.48
N LEU A 226 1.01 5.92 4.10
CA LEU A 226 1.03 5.72 5.55
C LEU A 226 1.98 6.71 6.19
N ASP A 227 1.59 7.21 7.35
CA ASP A 227 2.58 7.86 8.20
C ASP A 227 3.64 6.83 8.61
N ALA A 228 4.91 7.16 8.36
CA ALA A 228 5.98 6.19 8.54
C ALA A 228 6.12 5.72 9.99
N LYS A 229 5.97 6.63 10.95
CA LYS A 229 6.24 6.20 12.32
C LYS A 229 5.08 5.44 12.93
N THR A 230 3.84 5.93 12.72
CA THR A 230 2.65 5.41 13.39
C THR A 230 1.85 4.43 12.54
N GLY A 231 2.16 4.30 11.25
CA GLY A 231 1.36 3.48 10.37
C GLY A 231 -0.05 4.00 10.13
N GLU A 232 -0.36 5.22 10.54
CA GLU A 232 -1.69 5.76 10.29
C GLU A 232 -1.89 5.94 8.78
N VAL A 233 -3.11 5.72 8.34
CA VAL A 233 -3.49 5.83 6.93
C VAL A 233 -3.76 7.29 6.61
N LEU A 234 -2.84 7.93 5.87
CA LEU A 234 -3.02 9.33 5.49
C LEU A 234 -3.79 9.50 4.20
N ALA A 235 -3.72 8.52 3.31
CA ALA A 235 -4.50 8.57 2.09
C ALA A 235 -4.69 7.14 1.62
N MET A 236 -5.85 6.88 1.02
CA MET A 236 -6.15 5.57 0.47
C MET A 236 -7.10 5.81 -0.66
N ALA A 237 -6.70 5.50 -1.88
CA ALA A 237 -7.49 5.92 -3.04
C ALA A 237 -7.44 4.87 -4.14
N ASN A 238 -8.52 4.80 -4.89
CA ASN A 238 -8.55 4.07 -6.15
C ASN A 238 -9.14 4.98 -7.21
N ASP A 239 -8.98 4.59 -8.47
CA ASP A 239 -9.62 5.31 -9.57
C ASP A 239 -11.12 5.05 -9.55
N ASN A 240 -11.86 5.86 -10.31
CA ASN A 240 -13.26 5.56 -10.66
C ASN A 240 -14.16 5.57 -9.42
N THR A 241 -13.79 6.34 -8.40
CA THR A 241 -14.50 6.32 -7.12
C THR A 241 -15.91 6.89 -7.25
N PHE A 242 -16.88 6.15 -6.74
CA PHE A 242 -18.27 6.59 -6.83
C PHE A 242 -18.48 7.84 -5.98
N ASP A 243 -19.64 8.47 -6.18
CA ASP A 243 -20.00 9.71 -5.50
C ASP A 243 -21.19 9.47 -4.59
N PRO A 244 -21.00 9.43 -3.27
CA PRO A 244 -22.09 9.01 -2.38
C PRO A 244 -23.22 10.01 -2.26
N SER A 245 -23.07 11.22 -2.80
CA SER A 245 -24.21 12.13 -2.87
C SER A 245 -25.19 11.75 -3.97
N GLN A 246 -24.95 10.68 -4.72
CA GLN A 246 -25.84 10.26 -5.79
C GLN A 246 -26.27 8.81 -5.57
N ASP A 247 -27.46 8.51 -6.08
CA ASP A 247 -28.03 7.18 -6.06
C ASP A 247 -27.05 6.16 -6.59
N ILE A 248 -26.83 5.10 -5.81
CA ILE A 248 -25.81 4.12 -6.13
C ILE A 248 -26.23 3.22 -7.29
N GLY A 249 -27.53 2.90 -7.40
CA GLY A 249 -27.99 2.09 -8.52
C GLY A 249 -27.73 2.72 -9.87
N ARG A 250 -27.38 4.00 -9.89
CA ARG A 250 -27.04 4.70 -11.12
C ARG A 250 -25.54 4.73 -11.37
N GLN A 251 -24.76 3.98 -10.60
CA GLN A 251 -23.30 4.05 -10.64
C GLN A 251 -22.67 2.66 -10.72
N GLY A 252 -23.32 1.76 -11.45
CA GLY A 252 -22.74 0.45 -11.72
C GLY A 252 -21.42 0.51 -12.46
N ASP A 253 -21.15 1.60 -13.19
CA ASP A 253 -19.87 1.76 -13.83
C ASP A 253 -18.80 2.34 -12.91
N LYS A 254 -19.11 2.53 -11.63
CA LYS A 254 -18.21 3.16 -10.69
C LYS A 254 -17.59 2.12 -9.77
N GLN A 255 -16.46 2.47 -9.17
CA GLN A 255 -15.93 1.68 -8.07
C GLN A 255 -16.66 2.09 -6.80
N LEU A 256 -17.43 1.18 -6.24
CA LEU A 256 -18.16 1.46 -5.00
C LEU A 256 -17.40 0.99 -3.77
N GLY A 257 -16.34 0.20 -3.93
CA GLY A 257 -15.69 -0.45 -2.81
C GLY A 257 -14.35 0.15 -2.46
N ASN A 258 -13.44 -0.66 -1.92
CA ASN A 258 -12.15 -0.18 -1.41
C ASN A 258 -11.10 -1.23 -1.72
N PRO A 259 -10.73 -1.37 -3.01
CA PRO A 259 -9.77 -2.41 -3.42
C PRO A 259 -8.47 -2.42 -2.63
N ALA A 260 -8.01 -1.26 -2.15
CA ALA A 260 -6.74 -1.21 -1.43
C ALA A 260 -6.72 -2.13 -0.22
N VAL A 261 -7.89 -2.49 0.32
CA VAL A 261 -7.96 -3.50 1.37
C VAL A 261 -8.68 -4.76 0.95
N SER A 262 -9.52 -4.74 -0.09
CA SER A 262 -10.36 -5.90 -0.37
C SER A 262 -9.79 -6.84 -1.41
N SER A 263 -8.83 -6.42 -2.22
CA SER A 263 -8.52 -7.09 -3.48
C SER A 263 -7.05 -7.44 -3.55
N PRO A 264 -6.67 -8.65 -3.14
CA PRO A 264 -5.26 -9.00 -3.11
C PRO A 264 -4.74 -9.33 -4.50
N PHE A 265 -3.43 -9.18 -4.66
CA PHE A 265 -2.75 -9.45 -5.91
C PHE A 265 -1.40 -10.07 -5.59
N GLU A 266 -0.78 -10.67 -6.58
CA GLU A 266 0.58 -11.16 -6.35
C GLU A 266 1.54 -9.97 -6.44
N PRO A 267 2.43 -9.80 -5.47
CA PRO A 267 3.24 -8.57 -5.44
C PRO A 267 4.33 -8.55 -6.49
N GLY A 268 4.84 -9.71 -6.89
CA GLY A 268 6.02 -9.63 -7.71
C GLY A 268 7.19 -9.08 -6.90
N SER A 269 8.08 -8.39 -7.60
CA SER A 269 9.38 -8.02 -7.05
C SER A 269 9.31 -7.05 -5.89
N VAL A 270 8.18 -6.39 -5.63
CA VAL A 270 8.14 -5.57 -4.42
C VAL A 270 8.23 -6.44 -3.18
N ASN A 271 7.92 -7.72 -3.29
CA ASN A 271 8.13 -8.62 -2.18
C ASN A 271 9.61 -8.78 -1.82
N LYS A 272 10.53 -8.37 -2.70
CA LYS A 272 11.94 -8.65 -2.44
C LYS A 272 12.46 -7.94 -1.21
N ILE A 273 11.69 -7.00 -0.65
CA ILE A 273 12.02 -6.41 0.64
C ILE A 273 12.16 -7.48 1.72
N VAL A 274 11.41 -8.58 1.61
CA VAL A 274 11.50 -9.61 2.63
C VAL A 274 12.87 -10.29 2.56
N ALA A 275 13.24 -10.78 1.38
CA ALA A 275 14.55 -11.39 1.18
C ALA A 275 15.67 -10.45 1.60
N ALA A 276 15.61 -9.19 1.16
CA ALA A 276 16.64 -8.22 1.53
C ALA A 276 16.73 -8.07 3.04
N SER A 277 15.57 -7.98 3.71
CA SER A 277 15.55 -7.80 5.15
C SER A 277 16.11 -9.02 5.87
N ALA A 278 15.75 -10.22 5.44
CA ALA A 278 16.26 -11.42 6.09
C ALA A 278 17.76 -11.57 5.89
N VAL A 279 18.24 -11.32 4.67
CA VAL A 279 19.64 -11.62 4.37
C VAL A 279 20.55 -10.64 5.12
N ILE A 280 20.10 -9.41 5.34
CA ILE A 280 20.88 -8.48 6.14
C ILE A 280 20.69 -8.76 7.63
N GLU A 281 19.45 -9.00 8.06
CA GLU A 281 19.18 -9.22 9.49
C GLU A 281 19.92 -10.44 10.01
N HIS A 282 20.01 -11.51 9.23
CA HIS A 282 20.72 -12.68 9.75
C HIS A 282 22.22 -12.65 9.45
N GLY A 283 22.76 -11.52 9.03
CA GLY A 283 24.20 -11.40 8.83
C GLY A 283 24.72 -12.22 7.67
N LEU A 284 23.89 -12.49 6.67
CA LEU A 284 24.19 -13.39 5.56
C LEU A 284 24.76 -12.69 4.34
N SER A 285 24.72 -11.37 4.31
CA SER A 285 25.26 -10.60 3.21
C SER A 285 25.32 -9.17 3.69
N SER A 286 25.89 -8.29 2.87
CA SER A 286 25.93 -6.86 3.17
C SER A 286 25.70 -6.12 1.86
N PRO A 287 25.38 -4.83 1.91
CA PRO A 287 25.08 -4.12 0.65
C PRO A 287 26.21 -4.15 -0.37
N ASP A 288 27.47 -4.18 0.08
CA ASP A 288 28.64 -4.08 -0.79
C ASP A 288 29.16 -5.43 -1.26
N GLU A 289 28.63 -6.55 -0.76
CA GLU A 289 29.12 -7.86 -1.20
C GLU A 289 29.00 -7.97 -2.72
N VAL A 290 30.10 -8.32 -3.36
CA VAL A 290 30.11 -8.58 -4.80
C VAL A 290 29.66 -10.01 -5.04
N LEU A 291 28.55 -10.18 -5.76
CA LEU A 291 28.02 -11.50 -6.09
C LEU A 291 28.39 -11.89 -7.52
N GLN A 292 28.14 -13.16 -7.84
CA GLN A 292 28.24 -13.66 -9.20
C GLN A 292 26.87 -14.21 -9.58
N VAL A 293 26.20 -13.55 -10.52
CA VAL A 293 24.79 -13.88 -10.78
C VAL A 293 24.62 -14.37 -12.20
N PRO A 294 24.41 -15.67 -12.40
CA PRO A 294 24.08 -16.18 -13.74
C PRO A 294 22.73 -15.65 -14.21
N GLY A 295 22.49 -15.82 -15.51
CA GLY A 295 21.26 -15.37 -16.11
C GLY A 295 20.04 -16.20 -15.80
N SER A 296 20.25 -17.38 -15.23
CA SER A 296 19.15 -18.27 -14.87
C SER A 296 19.71 -19.32 -13.95
N ILE A 297 18.83 -19.95 -13.17
CA ILE A 297 19.20 -21.06 -12.33
C ILE A 297 18.04 -22.05 -12.32
N GLN A 298 18.37 -23.29 -11.99
CA GLN A 298 17.42 -24.34 -11.68
C GLN A 298 17.27 -24.39 -10.16
N MET A 299 16.04 -24.23 -9.67
CA MET A 299 15.80 -24.23 -8.23
C MET A 299 14.45 -24.87 -7.94
N GLY A 300 14.42 -25.76 -6.94
CA GLY A 300 13.21 -26.44 -6.56
C GLY A 300 12.54 -27.14 -7.73
N GLY A 301 13.36 -27.63 -8.65
CA GLY A 301 12.87 -28.34 -9.82
C GLY A 301 12.37 -27.47 -10.94
N VAL A 302 12.52 -26.14 -10.84
CA VAL A 302 12.02 -25.24 -11.87
C VAL A 302 13.16 -24.28 -12.27
N THR A 303 12.90 -23.49 -13.31
CA THR A 303 13.89 -22.63 -13.94
C THR A 303 13.48 -21.17 -13.80
N VAL A 304 14.37 -20.36 -13.24
CA VAL A 304 14.11 -18.95 -12.99
C VAL A 304 15.09 -18.13 -13.81
N HIS A 305 14.55 -17.14 -14.51
CA HIS A 305 15.27 -16.30 -15.44
C HIS A 305 15.24 -14.86 -14.92
N ASP A 306 16.24 -14.07 -15.28
CA ASP A 306 16.14 -12.64 -15.06
C ASP A 306 15.45 -11.97 -16.26
N ALA A 307 14.88 -10.79 -16.03
CA ALA A 307 14.10 -10.10 -17.06
C ALA A 307 14.95 -9.64 -18.24
N TRP A 308 16.27 -9.70 -18.13
CA TRP A 308 17.17 -9.39 -19.24
C TRP A 308 18.16 -10.53 -19.37
N GLU A 309 18.55 -10.84 -20.60
CA GLU A 309 19.55 -11.87 -20.80
C GLU A 309 20.92 -11.34 -20.38
N HIS A 310 21.68 -12.17 -19.66
CA HIS A 310 23.04 -11.81 -19.27
C HIS A 310 23.81 -13.05 -18.84
N GLY A 311 25.13 -12.99 -19.06
CA GLY A 311 26.02 -13.95 -18.44
C GLY A 311 26.17 -13.64 -16.95
N VAL A 312 27.15 -14.32 -16.33
CA VAL A 312 27.42 -14.05 -14.92
C VAL A 312 27.82 -12.59 -14.76
N MET A 313 27.07 -11.86 -13.93
CA MET A 313 27.30 -10.45 -13.70
C MET A 313 27.75 -10.20 -12.27
N PRO A 314 28.72 -9.36 -12.06
CA PRO A 314 29.18 -9.03 -10.70
C PRO A 314 28.27 -8.00 -10.00
N TYR A 315 27.01 -8.37 -9.84
CA TYR A 315 26.07 -7.49 -9.16
C TYR A 315 26.42 -7.42 -7.68
N THR A 316 26.37 -6.23 -7.11
CA THR A 316 26.38 -6.23 -5.67
C THR A 316 25.01 -6.63 -5.16
N THR A 317 24.98 -7.08 -3.91
CA THR A 317 23.72 -7.24 -3.19
C THR A 317 22.83 -6.02 -3.41
N THR A 318 23.40 -4.82 -3.26
CA THR A 318 22.65 -3.60 -3.59
C THR A 318 22.11 -3.65 -5.02
N GLY A 319 22.95 -4.06 -5.98
CA GLY A 319 22.49 -4.12 -7.35
C GLY A 319 21.45 -5.19 -7.61
N VAL A 320 21.53 -6.32 -6.90
CA VAL A 320 20.54 -7.37 -7.07
C VAL A 320 19.14 -6.82 -6.80
N PHE A 321 19.02 -5.99 -5.77
CA PHE A 321 17.71 -5.39 -5.49
C PHE A 321 17.49 -4.13 -6.33
N GLY A 322 18.54 -3.38 -6.61
CA GLY A 322 18.40 -2.20 -7.45
C GLY A 322 18.03 -2.53 -8.88
N LYS A 323 18.63 -3.58 -9.45
CA LYS A 323 18.29 -4.00 -10.81
C LYS A 323 17.21 -5.07 -10.85
N SER A 324 16.83 -5.58 -9.69
CA SER A 324 15.78 -6.59 -9.51
C SER A 324 16.12 -7.89 -10.25
N SER A 325 17.28 -8.43 -9.92
CA SER A 325 17.67 -9.76 -10.38
C SER A 325 16.91 -10.82 -9.57
N ASN A 326 16.00 -11.54 -10.24
CA ASN A 326 15.32 -12.68 -9.63
C ASN A 326 16.33 -13.74 -9.21
N VAL A 327 17.25 -14.08 -10.12
CA VAL A 327 18.29 -15.05 -9.82
C VAL A 327 19.11 -14.63 -8.60
N GLY A 328 19.53 -13.37 -8.58
CA GLY A 328 20.28 -12.88 -7.44
C GLY A 328 19.48 -12.97 -6.16
N THR A 329 18.18 -12.66 -6.24
CA THR A 329 17.35 -12.74 -5.05
C THR A 329 17.24 -14.17 -4.55
N LEU A 330 17.06 -15.13 -5.45
CA LEU A 330 16.95 -16.52 -5.01
C LEU A 330 18.27 -17.05 -4.46
N MET A 331 19.40 -16.68 -5.06
CA MET A 331 20.69 -17.05 -4.51
CA MET A 331 20.69 -17.07 -4.50
C MET A 331 20.85 -16.55 -3.08
N LEU A 332 20.49 -15.28 -2.85
CA LEU A 332 20.53 -14.75 -1.49
C LEU A 332 19.53 -15.48 -0.61
N SER A 333 18.37 -15.84 -1.15
CA SER A 333 17.36 -16.48 -0.32
C SER A 333 17.78 -17.90 0.07
N GLN A 334 18.57 -18.58 -0.79
CA GLN A 334 19.12 -19.87 -0.39
C GLN A 334 19.94 -19.75 0.89
N ARG A 335 20.58 -18.60 1.11
CA ARG A 335 21.33 -18.41 2.36
C ARG A 335 20.38 -18.30 3.56
N VAL A 336 19.21 -17.67 3.36
CA VAL A 336 18.26 -17.52 4.46
C VAL A 336 17.61 -18.87 4.81
N GLY A 337 17.32 -19.69 3.81
CA GLY A 337 16.59 -20.91 4.04
C GLY A 337 15.10 -20.67 4.19
N PRO A 338 14.28 -21.68 3.87
CA PRO A 338 12.81 -21.51 3.95
C PRO A 338 12.29 -21.07 5.31
N GLU A 339 12.79 -21.65 6.40
CA GLU A 339 12.16 -21.42 7.69
C GLU A 339 12.37 -19.99 8.17
N ARG A 340 13.60 -19.50 8.12
CA ARG A 340 13.81 -18.09 8.43
C ARG A 340 13.10 -17.19 7.43
N TYR A 341 12.97 -17.61 6.17
CA TYR A 341 12.28 -16.78 5.19
C TYR A 341 10.79 -16.73 5.46
N TYR A 342 10.17 -17.90 5.65
CA TYR A 342 8.75 -17.92 6.01
C TYR A 342 8.51 -17.18 7.31
N ASP A 343 9.42 -17.32 8.27
CA ASP A 343 9.23 -16.63 9.54
C ASP A 343 9.15 -15.12 9.31
N MET A 344 9.97 -14.60 8.40
CA MET A 344 10.00 -13.17 8.15
C MET A 344 8.77 -12.70 7.37
N LEU A 345 8.29 -13.52 6.43
CA LEU A 345 6.99 -13.24 5.81
C LEU A 345 5.93 -12.99 6.88
N ARG A 346 5.85 -13.88 7.86
CA ARG A 346 4.88 -13.73 8.94
C ARG A 346 5.14 -12.45 9.73
N LYS A 347 6.40 -12.18 10.10
CA LYS A 347 6.68 -10.96 10.84
C LYS A 347 6.28 -9.72 10.04
N PHE A 348 6.53 -9.71 8.72
CA PHE A 348 6.06 -8.58 7.93
C PHE A 348 4.53 -8.52 7.82
N GLY A 349 3.81 -9.50 8.35
CA GLY A 349 2.37 -9.39 8.48
C GLY A 349 1.56 -9.90 7.30
N LEU A 350 2.18 -10.64 6.39
CA LEU A 350 1.49 -11.16 5.22
C LEU A 350 0.61 -12.36 5.59
N GLY A 351 -0.47 -12.53 4.84
CA GLY A 351 -1.45 -13.56 5.11
C GLY A 351 -2.40 -13.26 6.26
N GLN A 352 -2.27 -12.11 6.91
CA GLN A 352 -3.05 -11.77 8.07
C GLN A 352 -3.65 -10.38 7.85
N ARG A 353 -4.93 -10.23 8.17
CA ARG A 353 -5.56 -8.92 8.23
C ARG A 353 -4.78 -7.98 9.15
N THR A 354 -4.78 -6.69 8.79
CA THR A 354 -4.11 -5.71 9.61
C THR A 354 -4.95 -5.26 10.81
N GLY A 355 -6.28 -5.39 10.71
CA GLY A 355 -7.14 -4.76 11.69
C GLY A 355 -7.26 -3.27 11.50
N VAL A 356 -7.14 -2.78 10.25
CA VAL A 356 -7.13 -1.35 9.98
C VAL A 356 -8.43 -0.67 10.40
N GLY A 357 -9.53 -1.43 10.50
CA GLY A 357 -10.81 -0.82 10.81
C GLY A 357 -11.62 -0.42 9.60
N LEU A 358 -11.54 -1.19 8.51
CA LEU A 358 -12.34 -0.97 7.33
C LEU A 358 -13.04 -2.27 6.97
N PRO A 359 -14.28 -2.20 6.48
CA PRO A 359 -15.00 -3.42 6.11
C PRO A 359 -14.38 -4.09 4.89
N GLY A 360 -14.46 -5.41 4.87
CA GLY A 360 -14.10 -6.17 3.70
C GLY A 360 -12.62 -6.34 3.47
N GLU A 361 -11.79 -6.18 4.51
CA GLU A 361 -10.35 -6.36 4.36
C GLU A 361 -10.03 -7.82 4.04
N SER A 362 -9.25 -8.04 2.98
CA SER A 362 -8.73 -9.36 2.70
C SER A 362 -7.53 -9.63 3.58
N ALA A 363 -7.32 -10.91 3.88
CA ALA A 363 -6.10 -11.35 4.56
C ALA A 363 -4.98 -11.69 3.58
N GLY A 364 -5.29 -11.75 2.28
CA GLY A 364 -4.36 -12.27 1.30
C GLY A 364 -4.14 -13.76 1.50
N LEU A 365 -2.99 -14.22 1.02
CA LEU A 365 -2.74 -15.65 0.94
C LEU A 365 -1.25 -15.90 0.96
N VAL A 366 -0.79 -16.60 2.00
CA VAL A 366 0.57 -17.09 2.10
C VAL A 366 0.50 -18.58 2.41
N PRO A 367 0.94 -19.45 1.51
CA PRO A 367 0.96 -20.88 1.82
C PRO A 367 1.86 -21.17 3.00
N PRO A 368 1.34 -21.84 4.03
CA PRO A 368 2.16 -22.14 5.20
C PRO A 368 3.26 -23.13 4.84
N ILE A 369 4.35 -23.06 5.58
CA ILE A 369 5.56 -23.78 5.18
C ILE A 369 5.32 -25.27 5.17
N ASP A 370 4.41 -25.77 6.03
CA ASP A 370 4.10 -27.18 6.10
CA ASP A 370 4.10 -27.18 6.11
C ASP A 370 3.41 -27.71 4.84
N GLN A 371 3.06 -26.85 3.89
CA GLN A 371 2.39 -27.31 2.68
C GLN A 371 3.14 -26.92 1.40
N TRP A 372 4.33 -26.35 1.51
CA TRP A 372 5.05 -25.94 0.32
C TRP A 372 5.34 -27.15 -0.57
N SER A 373 5.33 -26.90 -1.88
CA SER A 373 5.80 -27.86 -2.86
C SER A 373 7.29 -27.60 -3.10
N GLY A 374 7.92 -28.43 -3.92
CA GLY A 374 9.34 -28.25 -4.17
C GLY A 374 9.69 -26.89 -4.74
N SER A 375 8.77 -26.29 -5.48
CA SER A 375 9.00 -25.06 -6.21
C SER A 375 8.58 -23.80 -5.45
N THR A 376 7.90 -23.94 -4.31
CA THR A 376 7.35 -22.78 -3.61
C THR A 376 8.44 -21.78 -3.24
N PHE A 377 9.55 -22.27 -2.70
CA PHE A 377 10.64 -21.39 -2.32
C PHE A 377 11.29 -20.70 -3.50
N ALA A 378 11.20 -21.27 -4.70
CA ALA A 378 11.71 -20.59 -5.88
C ALA A 378 10.77 -19.50 -6.37
N ASN A 379 9.62 -19.30 -5.73
CA ASN A 379 8.65 -18.32 -6.19
C ASN A 379 8.39 -17.23 -5.18
N LEU A 380 8.12 -17.58 -3.92
CA LEU A 380 7.79 -16.57 -2.92
C LEU A 380 8.79 -15.44 -2.81
N PRO A 381 10.11 -15.68 -2.77
CA PRO A 381 11.05 -14.55 -2.59
C PRO A 381 11.05 -13.54 -3.72
N ILE A 382 10.60 -13.91 -4.93
CA ILE A 382 10.44 -12.93 -5.99
C ILE A 382 9.00 -12.46 -6.13
N GLY A 383 8.12 -12.86 -5.22
CA GLY A 383 6.80 -12.29 -5.16
C GLY A 383 5.72 -12.98 -5.95
N GLN A 384 5.89 -14.24 -6.33
CA GLN A 384 4.84 -15.00 -6.99
CA GLN A 384 4.84 -15.00 -6.98
C GLN A 384 4.54 -16.24 -6.14
N GLY A 385 3.28 -16.69 -6.18
CA GLY A 385 2.83 -17.77 -5.31
C GLY A 385 2.20 -17.32 -4.01
N LEU A 386 1.95 -16.02 -3.86
CA LEU A 386 1.32 -15.47 -2.68
C LEU A 386 0.65 -14.20 -3.14
N SER A 387 -0.25 -13.70 -2.30
CA SER A 387 -0.96 -12.50 -2.66
C SER A 387 -1.11 -11.66 -1.42
N MET A 388 -1.25 -10.36 -1.63
CA MET A 388 -1.42 -9.42 -0.54
C MET A 388 -2.21 -8.25 -1.07
N THR A 389 -2.79 -7.50 -0.15
CA THR A 389 -3.46 -6.27 -0.48
C THR A 389 -2.43 -5.15 -0.60
N LEU A 390 -2.86 -4.04 -1.22
CA LEU A 390 -2.02 -2.85 -1.29
C LEU A 390 -1.66 -2.35 0.10
N LEU A 391 -2.59 -2.48 1.05
CA LEU A 391 -2.34 -2.02 2.41
C LEU A 391 -1.27 -2.89 3.08
N GLN A 392 -1.39 -4.21 2.96
CA GLN A 392 -0.33 -5.09 3.47
C GLN A 392 1.01 -4.75 2.83
N MET A 393 1.02 -4.56 1.51
CA MET A 393 2.25 -4.22 0.82
C MET A 393 2.85 -2.95 1.39
N THR A 394 2.05 -1.88 1.47
CA THR A 394 2.55 -0.63 2.04
C THR A 394 2.98 -0.84 3.49
N GLY A 395 2.26 -1.67 4.24
CA GLY A 395 2.58 -1.89 5.64
C GLY A 395 3.94 -2.54 5.82
N MET A 396 4.35 -3.39 4.87
CA MET A 396 5.67 -4.00 4.93
C MET A 396 6.76 -2.95 4.90
N TYR A 397 6.60 -1.94 4.02
CA TYR A 397 7.60 -0.91 3.87
C TYR A 397 7.57 0.05 5.03
N GLN A 398 6.40 0.21 5.66
CA GLN A 398 6.31 0.98 6.90
C GLN A 398 7.21 0.39 7.98
N ALA A 399 7.29 -0.95 8.07
CA ALA A 399 8.15 -1.58 9.07
C ALA A 399 9.59 -1.13 8.91
N ILE A 400 10.11 -1.19 7.67
CA ILE A 400 11.48 -0.80 7.38
C ILE A 400 11.67 0.69 7.60
N ALA A 401 10.67 1.48 7.27
CA ALA A 401 10.73 2.92 7.49
C ALA A 401 10.78 3.26 8.99
N ASN A 402 10.02 2.54 9.81
CA ASN A 402 9.97 2.76 11.25
C ASN A 402 11.07 1.96 11.95
N ASP A 403 12.29 2.00 11.38
CA ASP A 403 13.48 1.38 11.98
C ASP A 403 13.22 -0.05 12.42
N GLY A 404 12.42 -0.75 11.63
CA GLY A 404 12.25 -2.17 11.79
C GLY A 404 11.08 -2.58 12.62
N VAL A 405 10.32 -1.64 13.16
CA VAL A 405 9.15 -1.93 13.99
C VAL A 405 7.92 -1.68 13.15
N ARG A 406 7.20 -2.76 12.84
CA ARG A 406 5.98 -2.66 12.06
C ARG A 406 4.82 -2.28 12.97
N VAL A 407 4.10 -1.24 12.59
CA VAL A 407 2.92 -0.80 13.34
C VAL A 407 1.71 -1.02 12.44
N PRO A 408 0.79 -1.92 12.80
CA PRO A 408 -0.36 -2.19 11.94
C PRO A 408 -1.12 -0.93 11.62
N PRO A 409 -1.44 -0.70 10.35
CA PRO A 409 -2.08 0.55 9.96
C PRO A 409 -3.46 0.69 10.56
N ARG A 410 -3.89 1.94 10.72
CA ARG A 410 -5.18 2.23 11.31
C ARG A 410 -5.75 3.46 10.62
N ILE A 411 -7.07 3.46 10.41
CA ILE A 411 -7.74 4.60 9.77
C ILE A 411 -8.63 5.36 10.73
N ILE A 412 -9.03 4.77 11.85
CA ILE A 412 -9.79 5.49 12.87
C ILE A 412 -8.79 6.13 13.83
N LYS A 413 -8.78 7.46 13.88
CA LYS A 413 -7.92 8.12 14.84
C LYS A 413 -8.59 8.28 16.22
N ALA A 414 -9.88 8.60 16.25
CA ALA A 414 -10.58 8.86 17.51
C ALA A 414 -12.07 8.94 17.25
N THR A 415 -12.85 8.87 18.33
CA THR A 415 -14.28 9.16 18.29
C THR A 415 -14.58 10.27 19.29
N VAL A 416 -15.54 11.12 18.93
CA VAL A 416 -15.96 12.22 19.79
C VAL A 416 -17.41 11.98 20.22
N ALA A 417 -17.62 11.84 21.53
CA ALA A 417 -18.94 11.59 22.08
C ALA A 417 -19.81 12.84 21.94
N PRO A 418 -21.14 12.68 22.00
CA PRO A 418 -22.02 13.83 21.75
C PRO A 418 -21.80 15.03 22.66
N ASP A 419 -21.34 14.83 23.90
CA ASP A 419 -21.04 16.00 24.73
C ASP A 419 -19.80 16.74 24.22
N GLY A 420 -18.84 16.04 23.64
CA GLY A 420 -17.66 16.66 23.08
C GLY A 420 -16.37 16.07 23.61
N SER A 421 -16.49 15.05 24.45
CA SER A 421 -15.32 14.35 24.99
C SER A 421 -14.72 13.45 23.91
N ARG A 422 -13.41 13.56 23.73
CA ARG A 422 -12.72 12.82 22.68
C ARG A 422 -11.95 11.66 23.29
N THR A 423 -12.17 10.46 22.74
CA THR A 423 -11.42 9.26 23.07
C THR A 423 -10.56 8.85 21.87
N GLU A 424 -9.25 8.78 22.07
CA GLU A 424 -8.38 8.29 21.00
C GLU A 424 -8.58 6.79 20.80
N GLU A 425 -8.39 6.35 19.56
CA GLU A 425 -8.34 4.93 19.29
C GLU A 425 -7.12 4.31 19.97
N PRO A 426 -7.23 3.10 20.52
CA PRO A 426 -6.06 2.44 21.08
C PRO A 426 -5.03 2.15 20.00
N ARG A 427 -3.77 2.50 20.27
CA ARG A 427 -2.69 2.17 19.36
C ARG A 427 -2.47 0.65 19.32
N PRO A 428 -2.14 0.09 18.17
CA PRO A 428 -1.82 -1.34 18.12
C PRO A 428 -0.40 -1.60 18.59
N ASP A 429 -0.19 -2.84 19.04
CA ASP A 429 1.10 -3.22 19.57
C ASP A 429 2.16 -3.27 18.46
N ASP A 430 3.33 -2.70 18.77
CA ASP A 430 4.53 -2.82 17.96
C ASP A 430 4.87 -4.27 17.65
N ILE A 431 5.46 -4.49 16.47
CA ILE A 431 5.98 -5.79 16.06
C ILE A 431 7.38 -5.57 15.49
N ARG A 432 8.39 -6.07 16.18
CA ARG A 432 9.74 -5.91 15.66
C ARG A 432 9.99 -6.97 14.59
N VAL A 433 10.33 -6.50 13.39
CA VAL A 433 10.60 -7.37 12.25
C VAL A 433 12.08 -7.61 12.08
N VAL A 434 12.87 -6.55 12.17
CA VAL A 434 14.31 -6.57 12.03
C VAL A 434 14.85 -5.44 12.89
N SER A 435 16.16 -5.44 13.13
CA SER A 435 16.72 -4.39 13.98
C SER A 435 16.64 -3.04 13.27
N ALA A 436 16.82 -1.97 14.07
CA ALA A 436 16.93 -0.63 13.50
C ALA A 436 18.12 -0.54 12.55
N GLN A 437 19.24 -1.17 12.91
CA GLN A 437 20.40 -1.17 12.02
C GLN A 437 20.06 -1.84 10.69
N THR A 438 19.39 -2.99 10.72
CA THR A 438 18.99 -3.67 9.49
C THR A 438 18.05 -2.81 8.66
N ALA A 439 17.07 -2.20 9.31
CA ALA A 439 16.11 -1.36 8.60
C ALA A 439 16.79 -0.19 7.92
N GLN A 440 17.70 0.48 8.62
CA GLN A 440 18.44 1.59 8.03
C GLN A 440 19.30 1.12 6.87
N THR A 441 19.83 -0.09 6.95
CA THR A 441 20.63 -0.60 5.85
C THR A 441 19.75 -0.90 4.63
N VAL A 442 18.55 -1.42 4.86
CA VAL A 442 17.68 -1.73 3.71
C VAL A 442 17.19 -0.44 3.05
N ARG A 443 16.87 0.57 3.85
CA ARG A 443 16.45 1.87 3.31
C ARG A 443 17.52 2.45 2.39
N GLN A 444 18.76 2.48 2.87
CA GLN A 444 19.86 3.00 2.05
C GLN A 444 20.03 2.19 0.78
N MET A 445 20.00 0.87 0.90
CA MET A 445 20.21 0.01 -0.25
C MET A 445 19.11 0.19 -1.30
N LEU A 446 17.86 0.36 -0.88
CA LEU A 446 16.78 0.61 -1.83
C LEU A 446 16.86 1.98 -2.50
N ARG A 447 17.71 2.91 -2.01
CA ARG A 447 17.98 4.12 -2.78
C ARG A 447 18.51 3.79 -4.17
N ALA A 448 19.11 2.61 -4.34
CA ALA A 448 19.69 2.28 -5.64
C ALA A 448 18.61 2.04 -6.69
N VAL A 449 17.40 1.65 -6.27
CA VAL A 449 16.30 1.44 -7.20
C VAL A 449 16.00 2.71 -7.98
N VAL A 450 16.14 3.87 -7.35
CA VAL A 450 15.81 5.14 -7.99
C VAL A 450 17.06 5.87 -8.48
N GLN A 451 18.22 5.24 -8.41
CA GLN A 451 19.43 5.89 -8.89
C GLN A 451 19.50 5.91 -10.41
N ARG A 452 19.89 7.04 -10.96
CA ARG A 452 20.02 7.24 -12.40
C ARG A 452 21.48 7.08 -12.80
N ASP A 453 21.72 6.37 -13.91
CA ASP A 453 23.07 6.30 -14.48
C ASP A 453 22.98 6.38 -16.01
N PRO A 454 23.51 7.45 -16.60
CA PRO A 454 23.48 7.56 -18.07
C PRO A 454 24.25 6.44 -18.76
N MET A 455 25.31 5.92 -18.14
CA MET A 455 26.02 4.78 -18.69
C MET A 455 25.35 3.46 -18.39
N GLY A 456 24.17 3.47 -17.76
CA GLY A 456 23.40 2.27 -17.53
C GLY A 456 23.84 1.40 -16.37
N TYR A 457 25.15 1.33 -16.13
CA TYR A 457 25.68 0.28 -15.26
C TYR A 457 25.16 0.40 -13.84
N GLN A 458 25.04 1.62 -13.33
CA GLN A 458 24.67 1.84 -11.93
C GLN A 458 23.29 2.46 -11.81
N GLN A 459 22.39 2.08 -12.72
CA GLN A 459 21.01 2.55 -12.72
C GLN A 459 20.09 1.45 -12.21
N GLY A 460 19.18 1.81 -11.31
CA GLY A 460 18.15 0.90 -10.83
C GLY A 460 16.99 0.81 -11.80
N THR A 461 15.98 0.04 -11.39
CA THR A 461 14.80 -0.15 -12.22
C THR A 461 13.86 1.06 -12.22
N GLY A 462 13.99 1.97 -11.26
CA GLY A 462 13.04 3.05 -11.12
C GLY A 462 13.64 4.44 -10.96
N PRO A 463 14.49 4.85 -11.92
CA PRO A 463 15.08 6.19 -11.83
C PRO A 463 14.07 7.31 -11.86
N THR A 464 12.95 7.17 -12.59
CA THR A 464 11.95 8.23 -12.57
C THR A 464 11.32 8.43 -11.20
N ALA A 465 11.50 7.51 -10.26
CA ALA A 465 10.89 7.68 -8.96
C ALA A 465 11.73 8.54 -8.04
N GLY A 466 13.04 8.70 -8.32
CA GLY A 466 13.85 9.57 -7.51
C GLY A 466 13.39 11.02 -7.58
N VAL A 467 13.60 11.74 -6.48
CA VAL A 467 13.35 13.17 -6.44
C VAL A 467 14.64 13.86 -6.04
N PRO A 468 15.32 14.56 -6.95
CA PRO A 468 16.63 15.14 -6.62
C PRO A 468 16.54 16.08 -5.44
N GLY A 469 17.50 15.96 -4.54
CA GLY A 469 17.49 16.66 -3.27
C GLY A 469 17.02 15.83 -2.10
N TYR A 470 16.50 14.62 -2.35
CA TYR A 470 15.94 13.78 -1.31
C TYR A 470 16.47 12.35 -1.44
N GLN A 471 16.58 11.67 -0.30
CA GLN A 471 16.99 10.26 -0.26
C GLN A 471 15.77 9.34 -0.42
N MET A 472 15.15 9.40 -1.59
CA MET A 472 14.06 8.48 -1.89
C MET A 472 14.58 7.05 -1.98
N ALA A 473 13.77 6.11 -1.51
CA ALA A 473 14.11 4.69 -1.52
C ALA A 473 12.82 3.92 -1.81
N GLY A 474 12.92 2.90 -2.65
CA GLY A 474 11.72 2.19 -3.04
C GLY A 474 12.07 0.91 -3.77
N LYS A 475 11.03 0.27 -4.30
CA LYS A 475 11.21 -0.96 -5.06
C LYS A 475 10.07 -1.05 -6.08
N THR A 476 10.44 -1.37 -7.33
CA THR A 476 9.50 -1.63 -8.41
C THR A 476 8.99 -3.07 -8.35
N GLY A 477 7.83 -3.31 -8.95
CA GLY A 477 7.35 -4.67 -9.14
C GLY A 477 6.64 -4.90 -10.46
N THR A 478 6.83 -6.09 -11.04
CA THR A 478 6.07 -6.53 -12.23
C THR A 478 5.71 -8.00 -12.00
N ALA A 479 4.46 -8.24 -11.59
CA ALA A 479 3.98 -9.59 -11.31
C ALA A 479 3.05 -10.06 -12.43
N GLN A 480 3.28 -11.28 -12.90
CA GLN A 480 2.39 -11.86 -13.89
C GLN A 480 1.08 -12.29 -13.24
N GLN A 481 -0.03 -11.96 -13.90
CA GLN A 481 -1.34 -12.37 -13.41
C GLN A 481 -1.67 -13.78 -13.87
N ILE A 482 -2.50 -14.47 -13.09
CA ILE A 482 -2.95 -15.81 -13.46
C ILE A 482 -3.97 -15.71 -14.59
N ASN A 483 -3.76 -16.50 -15.64
CA ASN A 483 -4.74 -16.55 -16.72
C ASN A 483 -5.89 -17.45 -16.30
N PRO A 484 -7.07 -16.88 -16.05
CA PRO A 484 -8.17 -17.67 -15.45
C PRO A 484 -8.58 -18.88 -16.27
N GLY A 485 -8.31 -18.90 -17.59
CA GLY A 485 -8.72 -20.00 -18.45
C GLY A 485 -7.76 -21.17 -18.60
N CYS A 486 -6.53 -21.09 -18.07
CA CYS A 486 -5.55 -22.17 -18.18
C CYS A 486 -4.99 -22.63 -16.84
N GLY A 487 -5.34 -21.97 -15.74
CA GLY A 487 -4.64 -22.21 -14.48
C GLY A 487 -3.17 -21.89 -14.54
N CYS A 488 -2.76 -21.01 -15.44
CA CYS A 488 -1.36 -20.73 -15.68
C CYS A 488 -1.17 -19.22 -15.83
N TYR A 489 0.09 -18.79 -15.83
CA TYR A 489 0.38 -17.36 -15.84
C TYR A 489 0.21 -16.78 -17.24
N PHE A 490 -0.42 -15.61 -17.32
CA PHE A 490 -0.30 -14.79 -18.51
C PHE A 490 1.17 -14.45 -18.76
N ASP A 491 1.49 -14.20 -20.02
CA ASP A 491 2.83 -13.77 -20.37
C ASP A 491 2.97 -12.26 -20.43
N ASP A 492 1.89 -11.55 -20.75
CA ASP A 492 1.99 -10.11 -20.96
C ASP A 492 0.93 -9.34 -20.19
N VAL A 493 0.40 -9.91 -19.09
CA VAL A 493 -0.57 -9.24 -18.23
C VAL A 493 0.03 -9.15 -16.84
N TYR A 494 0.20 -7.92 -16.34
CA TYR A 494 0.95 -7.71 -15.11
C TYR A 494 0.18 -6.87 -14.10
N TRP A 495 0.45 -7.12 -12.83
CA TRP A 495 0.28 -6.12 -11.79
C TRP A 495 1.59 -5.36 -11.71
N ILE A 496 1.54 -4.04 -11.86
CA ILE A 496 2.70 -3.18 -11.69
C ILE A 496 2.59 -2.56 -10.29
N THR A 497 3.68 -2.60 -9.54
CA THR A 497 3.71 -2.10 -8.17
C THR A 497 4.92 -1.21 -7.96
N PHE A 498 4.75 -0.25 -7.05
CA PHE A 498 5.87 0.48 -6.49
C PHE A 498 5.55 0.73 -5.02
N ALA A 499 6.56 0.63 -4.17
CA ALA A 499 6.42 1.00 -2.77
C ALA A 499 7.67 1.76 -2.38
N GLY A 500 7.50 2.85 -1.65
CA GLY A 500 8.68 3.62 -1.32
C GLY A 500 8.52 4.38 -0.03
N ILE A 501 9.62 5.02 0.36
CA ILE A 501 9.75 5.71 1.64
C ILE A 501 10.33 7.10 1.38
N ALA A 502 9.65 8.12 1.88
CA ALA A 502 10.19 9.48 1.87
C ALA A 502 10.49 9.93 3.31
N THR A 503 11.76 10.06 3.68
CA THR A 503 12.94 9.69 2.88
C THR A 503 13.73 8.63 3.64
N ALA A 504 14.81 8.15 3.03
CA ALA A 504 15.58 7.08 3.69
C ALA A 504 16.27 7.59 4.94
N ASP A 505 16.83 8.81 4.89
CA ASP A 505 17.51 9.37 6.05
C ASP A 505 16.52 9.89 7.08
N ASN A 506 15.29 10.19 6.69
CA ASN A 506 14.28 10.71 7.61
C ASN A 506 12.90 10.27 7.14
N PRO A 507 12.51 9.04 7.45
CA PRO A 507 11.23 8.50 6.96
C PRO A 507 10.03 9.23 7.55
N ARG A 508 9.21 9.80 6.69
CA ARG A 508 7.95 10.42 7.08
C ARG A 508 6.73 9.76 6.45
N TYR A 509 6.85 9.33 5.20
CA TYR A 509 5.73 8.83 4.43
C TYR A 509 6.12 7.55 3.72
N VAL A 510 5.21 6.58 3.77
CA VAL A 510 5.32 5.35 3.02
C VAL A 510 4.24 5.39 1.96
N ILE A 511 4.62 5.10 0.71
CA ILE A 511 3.69 5.13 -0.40
C ILE A 511 3.69 3.77 -1.07
N GLY A 512 2.49 3.22 -1.28
CA GLY A 512 2.32 2.00 -2.05
C GLY A 512 1.36 2.20 -3.21
N ILE A 513 1.71 1.63 -4.36
CA ILE A 513 0.96 1.85 -5.60
C ILE A 513 0.83 0.51 -6.33
N MET A 514 -0.36 0.25 -6.89
CA MET A 514 -0.50 -0.84 -7.83
C MET A 514 -1.26 -0.38 -9.07
N LEU A 515 -0.76 -0.76 -10.25
CA LEU A 515 -1.43 -0.52 -11.53
C LEU A 515 -1.81 -1.87 -12.10
N ASP A 516 -3.09 -2.05 -12.37
CA ASP A 516 -3.57 -3.32 -12.92
C ASP A 516 -3.40 -3.28 -14.43
N ASN A 517 -2.30 -3.86 -14.91
CA ASN A 517 -1.98 -4.11 -16.31
C ASN A 517 -2.03 -2.86 -17.16
N PRO A 518 -1.17 -1.88 -16.89
CA PRO A 518 -1.14 -0.69 -17.74
C PRO A 518 -0.50 -0.99 -19.09
N ALA A 519 -0.94 -0.23 -20.09
CA ALA A 519 -0.28 -0.23 -21.40
C ALA A 519 0.91 0.71 -21.43
N ARG A 520 0.92 1.72 -20.56
CA ARG A 520 1.98 2.74 -20.54
C ARG A 520 2.36 3.01 -19.09
N ASN A 521 3.40 3.84 -18.91
CA ASN A 521 3.76 4.39 -17.61
C ASN A 521 2.59 5.10 -16.96
N SER A 522 2.72 5.37 -15.64
CA SER A 522 1.66 6.10 -14.95
C SER A 522 1.54 7.52 -15.47
N ASP A 523 2.63 8.06 -16.03
CA ASP A 523 2.57 9.39 -16.61
CA ASP A 523 2.67 9.38 -16.64
C ASP A 523 2.25 9.37 -18.11
N GLY A 524 2.10 8.19 -18.71
CA GLY A 524 1.71 8.08 -20.09
C GLY A 524 2.83 7.81 -21.07
N ALA A 525 4.08 7.73 -20.61
CA ALA A 525 5.24 7.42 -21.45
C ALA A 525 5.33 5.90 -21.67
N PRO A 526 6.06 5.46 -22.71
CA PRO A 526 6.13 4.02 -23.00
C PRO A 526 6.78 3.26 -21.86
N GLY A 527 6.26 2.07 -21.60
CA GLY A 527 6.69 1.22 -20.51
C GLY A 527 5.52 0.79 -19.67
N HIS A 528 5.80 0.28 -18.48
CA HIS A 528 4.78 -0.27 -17.60
C HIS A 528 5.16 0.01 -16.14
N SER A 529 5.49 1.26 -15.83
CA SER A 529 6.09 1.57 -14.54
C SER A 529 5.18 2.49 -13.74
N ALA A 530 5.10 2.20 -12.44
CA ALA A 530 4.41 3.03 -11.47
C ALA A 530 5.32 4.07 -10.83
N ALA A 531 6.62 3.98 -11.09
CA ALA A 531 7.57 4.92 -10.52
C ALA A 531 7.24 6.40 -10.75
N PRO A 532 6.75 6.86 -11.91
CA PRO A 532 6.43 8.29 -12.03
C PRO A 532 5.32 8.72 -11.11
N LEU A 533 4.40 7.83 -10.76
CA LEU A 533 3.35 8.21 -9.82
C LEU A 533 3.91 8.36 -8.42
N PHE A 534 4.87 7.51 -8.04
CA PHE A 534 5.55 7.68 -6.76
C PHE A 534 6.27 9.01 -6.72
N HIS A 535 7.02 9.30 -7.80
CA HIS A 535 7.72 10.57 -7.95
C HIS A 535 6.82 11.76 -7.67
N ASN A 536 5.67 11.83 -8.34
CA ASN A 536 4.75 12.95 -8.19
CA ASN A 536 4.79 12.98 -8.18
C ASN A 536 4.28 13.09 -6.74
N ILE A 537 3.83 11.97 -6.16
CA ILE A 537 3.24 12.04 -4.81
C ILE A 537 4.31 12.34 -3.77
N ALA A 538 5.41 11.61 -3.80
CA ALA A 538 6.46 11.83 -2.81
C ALA A 538 7.09 13.21 -2.96
N GLY A 539 7.24 13.68 -4.18
CA GLY A 539 7.81 15.00 -4.37
C GLY A 539 6.91 16.08 -3.83
N TRP A 540 5.61 15.93 -4.07
CA TRP A 540 4.64 16.91 -3.60
C TRP A 540 4.52 16.89 -2.08
N LEU A 541 4.67 15.72 -1.45
CA LEU A 541 4.63 15.64 0.00
C LEU A 541 5.80 16.40 0.62
N MET A 542 6.97 16.37 -0.01
CA MET A 542 8.12 17.08 0.53
C MET A 542 7.99 18.59 0.36
N GLN A 543 7.54 19.04 -0.83
CA GLN A 543 7.32 20.46 -1.07
C GLN A 543 6.38 21.07 -0.04
N ARG A 544 5.23 20.41 0.17
CA ARG A 544 4.17 21.04 0.96
C ARG A 544 4.54 21.16 2.42
N GLU A 545 5.45 20.32 2.92
CA GLU A 545 6.00 20.45 4.25
C GLU A 545 7.31 21.22 4.28
N ASN A 546 7.78 21.70 3.13
CA ASN A 546 9.04 22.46 3.02
C ASN A 546 10.18 21.73 3.73
N VAL A 547 10.35 20.48 3.34
CA VAL A 547 11.40 19.63 3.92
C VAL A 547 12.72 19.95 3.21
N PRO A 548 13.82 20.10 3.96
CA PRO A 548 15.07 20.55 3.33
C PRO A 548 15.72 19.46 2.48
N LEU A 549 16.65 19.90 1.63
CA LEU A 549 17.46 18.98 0.82
C LEU A 549 18.75 18.59 1.57
N GLY A 554 24.69 11.36 -0.96
CA GLY A 554 26.15 11.34 -0.95
C GLY A 554 26.77 10.84 -2.26
N PRO A 555 27.70 9.90 -2.17
CA PRO A 555 28.32 9.34 -3.37
C PRO A 555 27.42 8.30 -4.02
N PRO A 556 27.57 8.06 -5.32
CA PRO A 556 26.70 7.08 -6.00
C PRO A 556 26.90 5.68 -5.44
N LEU A 557 25.81 4.90 -5.46
CA LEU A 557 25.84 3.53 -4.96
C LEU A 557 26.34 2.59 -6.05
N VAL A 558 26.97 1.50 -5.64
CA VAL A 558 27.51 0.52 -6.59
C VAL A 558 26.55 -0.65 -6.68
N LEU A 559 25.93 -0.80 -7.85
CA LEU A 559 25.03 -1.89 -8.18
C LEU A 559 25.75 -3.02 -8.90
N GLN A 560 26.79 -2.65 -9.64
CA GLN A 560 27.52 -3.53 -10.53
C GLN A 560 29.00 -3.26 -10.31
N ALA A 561 29.75 -4.28 -9.91
CA ALA A 561 31.19 -4.13 -9.78
C ALA A 561 31.84 -4.32 -11.14
N THR A 562 33.11 -4.70 -11.15
CA THR A 562 33.86 -4.93 -12.38
C THR A 562 33.64 -6.37 -12.86
#